data_4B6R
#
_entry.id   4B6R
#
_cell.length_a   100.436
_cell.length_b   100.436
_cell.length_c   104.300
_cell.angle_alpha   90.00
_cell.angle_beta   90.00
_cell.angle_gamma   90.00
#
_symmetry.space_group_name_H-M   'P 42 2 2'
#
loop_
_entity.id
_entity.type
_entity.pdbx_description
1 polymer '3-DEHYDROQUINATE DEHYDRATASE'
2 non-polymer '(1R,2S,4S,5R)-2-(4-methoxyphenyl)methyl-1,4,5-trihydroxy-3-oxocyclohexane-1-carboxylic acid'
3 non-polymer 'SULFATE ION'
4 water water
#
_entity_poly.entity_id   1
_entity_poly.type   'polypeptide(L)'
_entity_poly.pdbx_seq_one_letter_code
;MKILVIQGPNLNMLGHRDPRLYGMVTLDQIHEIMQTFVKQGNLDVELEFFQTNFEGEIIDKIQESVGSDYEGIIINPGAF
SHTSIAIADAIMLAGKPVIEVHLTNIQAREEFRKNSYTGAACGGVIMGFGPLGYNMALMAMVNILAEMKAFQEAQKNNPN
NPINNQK
;
_entity_poly.pdbx_strand_id   A,B,C
#
loop_
_chem_comp.id
_chem_comp.type
_chem_comp.name
_chem_comp.formula
3DQ non-polymer '(1R,2S,4S,5R)-2-(4-methoxyphenyl)methyl-1,4,5-trihydroxy-3-oxocyclohexane-1-carboxylic acid' 'C15 H18 O7'
SO4 non-polymer 'SULFATE ION' 'O4 S -2'
#
# COMPACT_ATOMS: atom_id res chain seq x y z
N MET A 1 -1.47 -26.08 -18.99
CA MET A 1 -1.39 -24.63 -18.79
C MET A 1 -1.27 -24.45 -17.28
N LYS A 2 -0.25 -23.74 -16.82
CA LYS A 2 -0.21 -23.24 -15.45
C LYS A 2 -1.11 -21.99 -15.36
N ILE A 3 -1.97 -21.96 -14.33
CA ILE A 3 -2.82 -20.81 -14.02
C ILE A 3 -2.48 -20.26 -12.64
N LEU A 4 -2.26 -18.96 -12.56
CA LEU A 4 -1.92 -18.32 -11.30
C LEU A 4 -3.18 -17.81 -10.62
N VAL A 5 -3.37 -18.17 -9.34
CA VAL A 5 -4.48 -17.66 -8.54
C VAL A 5 -3.91 -16.73 -7.43
N ILE A 6 -4.27 -15.43 -7.52
CA ILE A 6 -3.83 -14.44 -6.54
C ILE A 6 -4.98 -14.01 -5.64
N GLN A 7 -4.74 -14.05 -4.33
CA GLN A 7 -5.75 -13.74 -3.31
C GLN A 7 -5.19 -12.59 -2.51
N GLY A 8 -5.99 -11.53 -2.40
CA GLY A 8 -5.55 -10.31 -1.76
C GLY A 8 -5.73 -10.27 -0.27
N PRO A 9 -5.69 -9.04 0.29
CA PRO A 9 -5.59 -8.91 1.74
C PRO A 9 -6.83 -9.44 2.46
N ASN A 10 -6.58 -10.08 3.62
CA ASN A 10 -7.62 -10.61 4.52
C ASN A 10 -8.31 -11.88 4.07
N LEU A 11 -8.08 -12.30 2.83
CA LEU A 11 -8.69 -13.51 2.31
C LEU A 11 -8.18 -14.78 3.02
N ASN A 12 -6.92 -14.77 3.47
CA ASN A 12 -6.39 -15.83 4.34
C ASN A 12 -7.18 -15.99 5.63
N MET A 13 -8.06 -15.05 5.94
CA MET A 13 -8.77 -15.08 7.21
C MET A 13 -10.16 -15.64 7.08
N LEU A 14 -10.52 -16.11 5.89
CA LEU A 14 -11.79 -16.78 5.66
C LEU A 14 -11.99 -17.97 6.59
N GLY A 15 -13.24 -18.17 7.02
CA GLY A 15 -13.59 -19.20 7.99
C GLY A 15 -13.13 -18.88 9.40
N HIS A 16 -12.26 -17.90 9.55
CA HIS A 16 -11.76 -17.53 10.88
C HIS A 16 -12.40 -16.22 11.37
N ARG A 17 -13.56 -15.87 10.78
CA ARG A 17 -14.38 -14.68 11.11
C ARG A 17 -15.54 -14.43 10.11
N ASP A 18 -16.65 -13.86 10.61
CA ASP A 18 -17.72 -13.14 9.82
C ASP A 18 -18.69 -13.89 8.85
N PRO A 19 -19.24 -15.08 9.24
CA PRO A 19 -20.23 -15.73 8.39
C PRO A 19 -21.54 -14.94 8.27
N ARG A 20 -21.52 -13.90 7.43
CA ARG A 20 -22.66 -13.02 7.17
C ARG A 20 -22.76 -12.89 5.66
N LEU A 21 -21.60 -12.61 5.06
CA LEU A 21 -21.39 -12.46 3.62
C LEU A 21 -20.37 -13.52 3.17
N TYR A 22 -19.69 -14.13 4.16
CA TYR A 22 -18.49 -14.95 3.94
C TYR A 22 -18.61 -16.45 4.24
N GLY A 23 -19.66 -16.86 4.98
CA GLY A 23 -19.86 -18.29 5.27
C GLY A 23 -18.80 -18.84 6.22
N MET A 24 -18.27 -20.03 5.94
CA MET A 24 -17.37 -20.73 6.89
C MET A 24 -16.22 -21.55 6.28
N VAL A 25 -16.15 -21.54 4.96
CA VAL A 25 -15.13 -22.23 4.20
C VAL A 25 -13.82 -21.43 4.30
N THR A 26 -12.68 -22.12 4.38
CA THR A 26 -11.40 -21.42 4.45
C THR A 26 -10.78 -21.24 3.09
N LEU A 27 -9.73 -20.43 3.04
CA LEU A 27 -9.03 -20.19 1.80
C LEU A 27 -8.42 -21.49 1.26
N ASP A 28 -7.76 -22.27 2.13
CA ASP A 28 -7.20 -23.58 1.72
C ASP A 28 -8.31 -24.49 1.17
N GLN A 29 -9.45 -24.54 1.83
CA GLN A 29 -10.58 -25.30 1.31
C GLN A 29 -11.04 -24.85 -0.08
N ILE A 30 -11.04 -23.53 -0.33
CA ILE A 30 -11.41 -23.04 -1.66
C ILE A 30 -10.41 -23.55 -2.71
N HIS A 31 -9.14 -23.52 -2.36
CA HIS A 31 -8.11 -23.93 -3.28
C HIS A 31 -8.16 -25.45 -3.62
N GLU A 32 -8.58 -26.27 -2.65
CA GLU A 32 -8.79 -27.73 -2.87
C GLU A 32 -9.96 -27.97 -3.81
N ILE A 33 -11.04 -27.21 -3.58
CA ILE A 33 -12.23 -27.24 -4.41
C ILE A 33 -11.91 -26.91 -5.86
N MET A 34 -11.01 -25.94 -6.09
CA MET A 34 -10.59 -25.59 -7.44
C MET A 34 -9.77 -26.74 -8.06
N GLN A 35 -8.90 -27.34 -7.25
CA GLN A 35 -8.07 -28.48 -7.65
C GLN A 35 -8.96 -29.63 -8.08
N THR A 36 -9.97 -29.90 -7.27
CA THR A 36 -10.95 -30.94 -7.54
C THR A 36 -11.65 -30.72 -8.86
N PHE A 37 -12.09 -29.48 -9.09
CA PHE A 37 -12.74 -29.11 -10.34
C PHE A 37 -11.88 -29.44 -11.56
N VAL A 38 -10.58 -29.21 -11.44
CA VAL A 38 -9.62 -29.52 -12.51
C VAL A 38 -9.52 -31.04 -12.70
N LYS A 39 -9.21 -31.74 -11.60
CA LYS A 39 -9.06 -33.20 -11.60
C LYS A 39 -10.31 -33.83 -12.22
N GLN A 40 -11.48 -33.57 -11.64
CA GLN A 40 -12.72 -34.10 -12.18
C GLN A 40 -13.03 -33.76 -13.63
N GLY A 41 -12.59 -32.60 -14.10
CA GLY A 41 -12.78 -32.26 -15.51
C GLY A 41 -11.69 -32.84 -16.41
N ASN A 42 -10.74 -33.53 -15.80
CA ASN A 42 -9.49 -33.92 -16.48
C ASN A 42 -8.94 -32.77 -17.32
N LEU A 43 -8.88 -31.58 -16.71
CA LEU A 43 -8.37 -30.42 -17.38
C LEU A 43 -6.86 -30.46 -17.26
N ASP A 44 -6.20 -30.03 -18.33
CA ASP A 44 -4.76 -29.95 -18.37
C ASP A 44 -4.42 -28.57 -17.82
N VAL A 45 -4.56 -28.43 -16.51
CA VAL A 45 -4.34 -27.15 -15.84
C VAL A 45 -3.56 -27.38 -14.55
N GLU A 46 -2.44 -26.68 -14.40
CA GLU A 46 -1.68 -26.67 -13.17
C GLU A 46 -1.92 -25.35 -12.39
N LEU A 47 -2.57 -25.44 -11.23
CA LEU A 47 -2.86 -24.24 -10.44
C LEU A 47 -1.71 -23.87 -9.53
N GLU A 48 -1.34 -22.58 -9.47
CA GLU A 48 -0.44 -22.06 -8.42
C GLU A 48 -1.15 -21.01 -7.60
N PHE A 49 -1.10 -21.14 -6.27
CA PHE A 49 -1.83 -20.26 -5.34
C PHE A 49 -0.94 -19.28 -4.60
N PHE A 50 -1.41 -18.03 -4.48
CA PHE A 50 -0.63 -17.04 -3.78
C PHE A 50 -1.53 -16.05 -3.08
N GLN A 51 -1.40 -15.92 -1.76
CA GLN A 51 -2.16 -14.92 -1.00
C GLN A 51 -1.19 -13.94 -0.32
N THR A 52 -1.58 -12.67 -0.24
CA THR A 52 -0.74 -11.64 0.36
C THR A 52 -1.60 -10.46 0.77
N ASN A 53 -1.21 -9.82 1.88
CA ASN A 53 -1.81 -8.58 2.34
C ASN A 53 -1.08 -7.34 1.81
N PHE A 54 -0.08 -7.56 0.96
CA PHE A 54 0.76 -6.51 0.39
C PHE A 54 0.44 -6.16 -1.05
N GLU A 55 0.13 -4.91 -1.30
CA GLU A 55 -0.10 -4.44 -2.64
C GLU A 55 1.15 -4.72 -3.56
N GLY A 56 2.34 -4.45 -3.05
CA GLY A 56 3.56 -4.61 -3.88
C GLY A 56 3.88 -6.06 -4.18
N GLU A 57 3.44 -6.98 -3.33
CA GLU A 57 3.62 -8.43 -3.55
C GLU A 57 2.73 -8.92 -4.68
N ILE A 58 1.50 -8.41 -4.71
CA ILE A 58 0.60 -8.67 -5.82
C ILE A 58 1.19 -8.10 -7.11
N ILE A 59 1.70 -6.85 -7.08
CA ILE A 59 2.27 -6.28 -8.30
C ILE A 59 3.54 -7.09 -8.76
N ASP A 60 4.44 -7.44 -7.83
CA ASP A 60 5.61 -8.28 -8.16
C ASP A 60 5.18 -9.61 -8.81
N LYS A 61 4.10 -10.18 -8.30
CA LYS A 61 3.66 -11.52 -8.76
C LYS A 61 3.07 -11.45 -10.15
N ILE A 62 2.32 -10.38 -10.42
CA ILE A 62 1.78 -10.15 -11.77
C ILE A 62 2.93 -9.92 -12.77
N GLN A 63 3.87 -9.06 -12.43
CA GLN A 63 5.05 -8.82 -13.27
C GLN A 63 5.87 -10.10 -13.51
N GLU A 64 6.15 -10.84 -12.43
CA GLU A 64 6.88 -12.13 -12.52
C GLU A 64 6.25 -13.06 -13.56
N SER A 65 4.94 -13.00 -13.75
CA SER A 65 4.26 -13.85 -14.74
C SER A 65 4.45 -13.38 -16.19
N VAL A 66 4.94 -12.16 -16.39
CA VAL A 66 5.20 -11.66 -17.75
C VAL A 66 6.37 -12.43 -18.37
N GLY A 67 6.08 -13.10 -19.49
CA GLY A 67 7.10 -13.87 -20.21
C GLY A 67 7.22 -15.30 -19.73
N SER A 68 6.67 -15.60 -18.56
CA SER A 68 6.79 -16.96 -18.02
C SER A 68 5.87 -17.94 -18.75
N ASP A 69 5.71 -19.13 -18.15
CA ASP A 69 4.83 -20.15 -18.71
C ASP A 69 3.41 -20.18 -18.09
N TYR A 70 3.08 -19.17 -17.30
CA TYR A 70 1.72 -18.97 -16.79
C TYR A 70 0.92 -18.37 -17.92
N GLU A 71 -0.25 -18.93 -18.19
CA GLU A 71 -1.01 -18.51 -19.35
C GLU A 71 -2.19 -17.60 -18.97
N GLY A 72 -2.45 -17.50 -17.68
CA GLY A 72 -3.55 -16.66 -17.22
C GLY A 72 -3.55 -16.50 -15.71
N ILE A 73 -4.26 -15.48 -15.25
CA ILE A 73 -4.37 -15.16 -13.82
C ILE A 73 -5.84 -15.05 -13.36
N ILE A 74 -6.16 -15.62 -12.22
CA ILE A 74 -7.46 -15.42 -11.60
C ILE A 74 -7.14 -14.64 -10.32
N ILE A 75 -7.76 -13.48 -10.13
CA ILE A 75 -7.40 -12.61 -9.01
C ILE A 75 -8.58 -12.09 -8.19
N ASN A 76 -8.46 -12.17 -6.87
CA ASN A 76 -9.34 -11.44 -5.96
C ASN A 76 -8.50 -10.40 -5.18
N PRO A 77 -8.45 -9.13 -5.67
CA PRO A 77 -7.57 -8.14 -5.02
C PRO A 77 -8.09 -7.67 -3.70
N GLY A 78 -9.23 -8.21 -3.30
CA GLY A 78 -9.80 -7.83 -1.98
C GLY A 78 -10.06 -6.29 -1.92
N ALA A 79 -9.75 -5.64 -0.79
CA ALA A 79 -10.04 -4.23 -0.65
C ALA A 79 -9.20 -3.37 -1.61
N PHE A 80 -8.09 -3.91 -2.09
CA PHE A 80 -7.25 -3.18 -3.05
C PHE A 80 -7.94 -2.98 -4.38
N SER A 81 -8.98 -3.76 -4.65
CA SER A 81 -9.78 -3.59 -5.86
C SER A 81 -10.22 -2.14 -5.99
N HIS A 82 -10.65 -1.55 -4.88
CA HIS A 82 -11.35 -0.26 -4.91
C HIS A 82 -10.39 0.90 -4.94
N THR A 83 -9.13 0.64 -4.62
CA THR A 83 -8.16 1.71 -4.35
C THR A 83 -6.92 1.67 -5.25
N SER A 84 -6.54 0.48 -5.74
CA SER A 84 -5.19 0.30 -6.31
C SER A 84 -5.13 0.53 -7.79
N ILE A 85 -4.82 1.77 -8.18
CA ILE A 85 -4.49 2.06 -9.57
C ILE A 85 -3.21 1.27 -9.99
N ALA A 86 -2.30 1.08 -9.04
CA ALA A 86 -1.00 0.42 -9.34
C ALA A 86 -1.25 -1.04 -9.74
N ILE A 87 -2.14 -1.72 -9.02
CA ILE A 87 -2.48 -3.11 -9.40
C ILE A 87 -3.21 -3.11 -10.75
N ALA A 88 -4.07 -2.11 -11.01
CA ALA A 88 -4.78 -2.04 -12.28
C ALA A 88 -3.79 -1.87 -13.42
N ASP A 89 -2.80 -1.00 -13.20
CA ASP A 89 -1.74 -0.78 -14.19
C ASP A 89 -0.96 -2.07 -14.49
N ALA A 90 -0.65 -2.84 -13.45
CA ALA A 90 0.07 -4.12 -13.59
C ALA A 90 -0.79 -5.11 -14.40
N ILE A 91 -2.09 -5.19 -14.06
CA ILE A 91 -3.01 -6.03 -14.86
C ILE A 91 -2.99 -5.62 -16.34
N MET A 92 -2.98 -4.32 -16.61
CA MET A 92 -2.95 -3.87 -18.00
C MET A 92 -1.72 -4.28 -18.78
N LEU A 93 -0.56 -4.40 -18.12
CA LEU A 93 0.64 -4.88 -18.82
C LEU A 93 0.85 -6.40 -18.76
N ALA A 94 -0.12 -7.15 -18.25
CA ALA A 94 0.12 -8.57 -17.98
C ALA A 94 0.33 -9.42 -19.25
N GLY A 95 -0.31 -9.01 -20.35
CA GLY A 95 -0.13 -9.67 -21.64
C GLY A 95 -0.83 -11.01 -21.68
N LYS A 96 -1.75 -11.20 -20.74
CA LYS A 96 -2.46 -12.47 -20.63
C LYS A 96 -3.79 -12.24 -19.95
N PRO A 97 -4.75 -13.17 -20.14
CA PRO A 97 -6.08 -12.94 -19.65
C PRO A 97 -6.08 -12.94 -18.13
N VAL A 98 -6.84 -12.00 -17.56
CA VAL A 98 -6.95 -11.86 -16.11
C VAL A 98 -8.43 -11.70 -15.80
N ILE A 99 -8.92 -12.50 -14.85
CA ILE A 99 -10.32 -12.57 -14.47
C ILE A 99 -10.39 -12.19 -13.00
N GLU A 100 -11.23 -11.22 -12.69
CA GLU A 100 -11.40 -10.82 -11.29
C GLU A 100 -12.58 -11.56 -10.66
N VAL A 101 -12.41 -12.00 -9.41
CA VAL A 101 -13.47 -12.66 -8.68
C VAL A 101 -13.69 -11.96 -7.33
N HIS A 102 -14.95 -11.74 -6.96
CA HIS A 102 -15.24 -11.37 -5.60
C HIS A 102 -16.18 -12.39 -5.01
N LEU A 103 -15.94 -12.76 -3.76
CA LEU A 103 -16.92 -13.62 -3.05
C LEU A 103 -18.27 -12.92 -2.94
N THR A 104 -18.26 -11.64 -2.59
CA THR A 104 -19.50 -10.93 -2.31
C THR A 104 -19.91 -10.06 -3.50
N ASN A 105 -21.14 -9.59 -3.51
CA ASN A 105 -21.60 -8.74 -4.59
C ASN A 105 -21.25 -7.31 -4.24
N ILE A 106 -20.22 -6.79 -4.90
CA ILE A 106 -19.77 -5.44 -4.55
C ILE A 106 -20.63 -4.28 -5.03
N GLN A 107 -21.66 -4.57 -5.82
CA GLN A 107 -22.65 -3.55 -6.19
C GLN A 107 -23.66 -3.39 -5.08
N ALA A 108 -23.64 -4.29 -4.08
CA ALA A 108 -24.73 -4.35 -3.07
C ALA A 108 -24.24 -4.08 -1.66
N ARG A 109 -23.09 -3.41 -1.54
CA ARG A 109 -22.53 -3.22 -0.21
C ARG A 109 -22.30 -1.71 -0.01
N GLU A 110 -21.29 -1.31 0.75
CA GLU A 110 -21.02 0.13 1.00
C GLU A 110 -20.65 0.85 -0.31
N GLU A 111 -20.86 2.16 -0.36
CA GLU A 111 -20.63 2.89 -1.62
C GLU A 111 -19.14 2.84 -1.97
N PHE A 112 -18.27 2.77 -0.96
CA PHE A 112 -16.81 2.75 -1.22
C PHE A 112 -16.31 1.42 -1.84
N ARG A 113 -17.15 0.38 -1.84
CA ARG A 113 -16.82 -0.89 -2.54
C ARG A 113 -17.27 -0.95 -4.00
N LYS A 114 -18.00 0.05 -4.47
CA LYS A 114 -18.60 -0.08 -5.78
C LYS A 114 -17.62 -0.02 -6.94
N ASN A 115 -16.64 0.85 -6.85
CA ASN A 115 -15.65 1.03 -7.91
C ASN A 115 -14.61 -0.08 -7.79
N SER A 116 -14.27 -0.73 -8.90
CA SER A 116 -13.11 -1.59 -8.92
C SER A 116 -12.19 -1.14 -10.02
N TYR A 117 -11.10 -0.46 -9.66
CA TYR A 117 -10.06 -0.11 -10.67
C TYR A 117 -9.47 -1.35 -11.30
N THR A 118 -9.22 -2.36 -10.47
CA THR A 118 -8.68 -3.63 -11.00
C THR A 118 -9.64 -4.36 -11.93
N GLY A 119 -10.94 -4.37 -11.58
CA GLY A 119 -11.93 -5.09 -12.38
C GLY A 119 -12.06 -4.49 -13.76
N ALA A 120 -12.01 -3.15 -13.82
CA ALA A 120 -12.01 -2.42 -15.07
C ALA A 120 -10.84 -2.74 -15.98
N ALA A 121 -9.68 -3.12 -15.42
CA ALA A 121 -8.51 -3.48 -16.23
C ALA A 121 -8.59 -4.96 -16.64
N CYS A 122 -9.32 -5.76 -15.86
CA CYS A 122 -9.54 -7.19 -16.17
C CYS A 122 -10.44 -7.42 -17.38
N GLY A 123 -10.28 -8.55 -18.05
CA GLY A 123 -11.21 -8.87 -19.15
C GLY A 123 -12.66 -9.13 -18.70
N GLY A 124 -12.83 -9.71 -17.53
CA GLY A 124 -14.14 -10.09 -17.05
C GLY A 124 -14.17 -10.11 -15.53
N VAL A 125 -15.36 -10.00 -14.94
CA VAL A 125 -15.47 -9.94 -13.49
C VAL A 125 -16.62 -10.83 -13.03
N ILE A 126 -16.40 -11.57 -11.97
CA ILE A 126 -17.44 -12.42 -11.41
C ILE A 126 -17.63 -12.03 -9.99
N MET A 127 -18.87 -11.84 -9.54
CA MET A 127 -19.08 -11.52 -8.13
C MET A 127 -20.34 -12.03 -7.45
N GLY A 128 -20.23 -12.27 -6.15
CA GLY A 128 -21.41 -12.60 -5.37
C GLY A 128 -21.83 -14.06 -5.40
N PHE A 129 -20.95 -14.97 -5.82
CA PHE A 129 -21.29 -16.41 -5.83
C PHE A 129 -20.61 -17.19 -4.68
N GLY A 130 -19.88 -16.50 -3.80
CA GLY A 130 -19.04 -17.17 -2.81
C GLY A 130 -17.91 -17.91 -3.50
N PRO A 131 -17.41 -19.00 -2.87
CA PRO A 131 -16.33 -19.85 -3.38
C PRO A 131 -16.57 -20.36 -4.80
N LEU A 132 -17.83 -20.60 -5.15
CA LEU A 132 -18.20 -21.09 -6.49
C LEU A 132 -17.71 -20.16 -7.59
N GLY A 133 -17.58 -18.86 -7.26
CA GLY A 133 -17.09 -17.91 -8.26
C GLY A 133 -15.72 -18.28 -8.81
N TYR A 134 -14.88 -18.89 -7.98
CA TYR A 134 -13.53 -19.28 -8.42
C TYR A 134 -13.56 -20.45 -9.46
N ASN A 135 -14.52 -21.37 -9.32
CA ASN A 135 -14.68 -22.48 -10.33
C ASN A 135 -15.28 -21.92 -11.61
N MET A 136 -16.13 -20.91 -11.47
CA MET A 136 -16.65 -20.20 -12.66
C MET A 136 -15.52 -19.55 -13.40
N ALA A 137 -14.57 -18.94 -12.66
CA ALA A 137 -13.39 -18.30 -13.30
C ALA A 137 -12.53 -19.36 -13.97
N LEU A 138 -12.40 -20.51 -13.33
CA LEU A 138 -11.61 -21.61 -13.93
C LEU A 138 -12.22 -22.08 -15.22
N MET A 139 -13.51 -22.35 -15.19
CA MET A 139 -14.24 -22.67 -16.44
C MET A 139 -14.06 -21.64 -17.55
N ALA A 140 -14.07 -20.34 -17.20
CA ALA A 140 -13.95 -19.32 -18.21
C ALA A 140 -12.54 -19.28 -18.73
N MET A 141 -11.56 -19.33 -17.82
CA MET A 141 -10.17 -19.25 -18.20
C MET A 141 -9.77 -20.32 -19.26
N VAL A 142 -10.20 -21.54 -19.00
CA VAL A 142 -9.96 -22.67 -19.91
C VAL A 142 -10.61 -22.39 -21.26
N ASN A 143 -11.86 -21.93 -21.22
CA ASN A 143 -12.54 -21.66 -22.47
C ASN A 143 -11.94 -20.49 -23.26
N ILE A 144 -11.47 -19.46 -22.56
CA ILE A 144 -10.79 -18.32 -23.20
C ILE A 144 -9.46 -18.73 -23.84
N LEU A 145 -8.71 -19.53 -23.11
CA LEU A 145 -7.38 -19.96 -23.57
C LEU A 145 -7.46 -20.90 -24.80
N ALA A 146 -8.44 -21.79 -24.80
CA ALA A 146 -8.67 -22.72 -25.91
C ALA A 146 -9.14 -21.94 -27.11
N GLU A 147 -9.97 -20.94 -26.87
CA GLU A 147 -10.44 -20.06 -27.92
C GLU A 147 -9.25 -19.31 -28.53
N MET A 148 -8.48 -18.60 -27.71
CA MET A 148 -7.26 -17.90 -28.16
C MET A 148 -6.28 -18.76 -29.02
N LYS A 149 -6.06 -20.01 -28.59
CA LYS A 149 -5.18 -20.96 -29.29
C LYS A 149 -5.78 -21.44 -30.62
N ALA A 150 -7.07 -21.76 -30.60
CA ALA A 150 -7.79 -22.13 -31.82
C ALA A 150 -7.83 -20.99 -32.82
N PHE A 151 -7.47 -19.78 -32.39
CA PHE A 151 -7.46 -18.63 -33.28
C PHE A 151 -6.07 -18.34 -33.83
N GLN A 152 -5.05 -18.55 -33.00
CA GLN A 152 -3.66 -18.28 -33.37
C GLN A 152 -3.18 -19.19 -34.49
N GLU A 153 -3.45 -20.49 -34.35
CA GLU A 153 -3.01 -21.46 -35.34
C GLU A 153 -3.87 -21.45 -36.62
N ALA A 154 -5.03 -20.80 -36.56
CA ALA A 154 -5.94 -20.67 -37.72
C ALA A 154 -5.68 -19.39 -38.52
N GLN A 155 -5.17 -18.37 -37.84
CA GLN A 155 -4.73 -17.12 -38.48
C GLN A 155 -3.36 -17.32 -39.14
N LYS A 156 -2.61 -18.30 -38.64
CA LYS A 156 -1.32 -18.69 -39.20
C LYS A 156 -1.44 -19.26 -40.63
N ASN A 157 -2.51 -20.03 -40.88
CA ASN A 157 -2.73 -20.71 -42.15
C ASN A 157 -3.92 -20.14 -42.95
N MET B 1 27.78 15.91 -5.10
CA MET B 1 26.46 15.66 -4.44
C MET B 1 25.98 14.26 -4.83
N LYS B 2 25.52 13.48 -3.84
CA LYS B 2 24.76 12.27 -4.12
C LYS B 2 23.27 12.61 -4.30
N ILE B 3 22.72 12.24 -5.47
CA ILE B 3 21.30 12.41 -5.79
C ILE B 3 20.58 11.06 -5.86
N LEU B 4 19.53 10.88 -5.04
CA LEU B 4 18.80 9.62 -5.00
C LEU B 4 17.66 9.65 -6.01
N VAL B 5 17.57 8.64 -6.86
CA VAL B 5 16.53 8.59 -7.89
C VAL B 5 15.57 7.45 -7.53
N ILE B 6 14.31 7.80 -7.21
CA ILE B 6 13.27 6.81 -6.86
C ILE B 6 12.23 6.59 -7.94
N GLN B 7 12.05 5.32 -8.32
CA GLN B 7 11.18 4.90 -9.42
C GLN B 7 10.07 4.00 -8.86
N GLY B 8 8.81 4.40 -9.04
CA GLY B 8 7.70 3.70 -8.40
C GLY B 8 7.18 2.46 -9.15
N PRO B 9 5.96 2.02 -8.79
CA PRO B 9 5.47 0.73 -9.26
C PRO B 9 5.34 0.69 -10.75
N ASN B 10 5.70 -0.47 -11.32
CA ASN B 10 5.58 -0.79 -12.76
C ASN B 10 6.52 -0.06 -13.69
N LEU B 11 7.31 0.88 -13.17
CA LEU B 11 8.33 1.52 -14.00
C LEU B 11 9.44 0.57 -14.46
N ASN B 12 9.71 -0.49 -13.71
CA ASN B 12 10.59 -1.58 -14.17
C ASN B 12 10.08 -2.35 -15.37
N MET B 13 8.82 -2.12 -15.77
CA MET B 13 8.29 -2.82 -16.91
C MET B 13 8.34 -2.00 -18.19
N LEU B 14 8.92 -0.82 -18.11
CA LEU B 14 9.15 -0.02 -19.28
C LEU B 14 9.91 -0.80 -20.35
N GLY B 15 9.49 -0.61 -21.60
CA GLY B 15 10.13 -1.20 -22.76
C GLY B 15 9.84 -2.68 -22.90
N HIS B 16 8.81 -3.14 -22.22
CA HIS B 16 8.38 -4.52 -22.33
C HIS B 16 6.88 -4.55 -22.58
N ARG B 17 6.22 -3.42 -22.34
CA ARG B 17 4.77 -3.33 -22.45
C ARG B 17 4.30 -1.89 -22.67
N ASP B 18 3.44 -1.70 -23.68
CA ASP B 18 2.55 -0.49 -23.86
C ASP B 18 3.11 0.74 -24.64
N PRO B 19 3.83 0.53 -25.79
CA PRO B 19 4.44 1.66 -26.55
C PRO B 19 3.40 2.60 -27.19
N ARG B 20 2.43 3.01 -26.39
CA ARG B 20 1.38 3.97 -26.75
C ARG B 20 1.80 5.31 -26.14
N LEU B 21 2.04 5.27 -24.83
CA LEU B 21 2.41 6.41 -24.01
C LEU B 21 3.86 6.28 -23.51
N TYR B 22 4.49 5.12 -23.78
CA TYR B 22 5.77 4.74 -23.13
C TYR B 22 6.99 4.47 -24.02
N GLY B 23 6.77 4.15 -25.31
CA GLY B 23 7.91 3.87 -26.22
C GLY B 23 8.44 2.47 -26.00
N MET B 24 9.75 2.27 -26.16
CA MET B 24 10.40 0.93 -25.96
C MET B 24 11.73 0.95 -25.19
N VAL B 25 12.07 2.12 -24.65
CA VAL B 25 13.21 2.35 -23.77
C VAL B 25 12.98 1.76 -22.37
N THR B 26 13.98 1.06 -21.83
CA THR B 26 13.85 0.42 -20.52
C THR B 26 14.24 1.37 -19.37
N LEU B 27 13.93 0.97 -18.13
CA LEU B 27 14.30 1.76 -16.96
C LEU B 27 15.82 1.89 -16.84
N ASP B 28 16.53 0.78 -17.11
CA ASP B 28 18.01 0.75 -17.05
C ASP B 28 18.58 1.74 -18.05
N GLN B 29 18.02 1.75 -19.27
CA GLN B 29 18.39 2.69 -20.32
C GLN B 29 18.22 4.16 -19.97
N ILE B 30 17.11 4.50 -19.29
CA ILE B 30 16.90 5.86 -18.79
C ILE B 30 17.96 6.22 -17.74
N HIS B 31 18.32 5.26 -16.92
CA HIS B 31 19.30 5.50 -15.89
C HIS B 31 20.70 5.70 -16.50
N GLU B 32 21.00 4.92 -17.54
CA GLU B 32 22.22 5.10 -18.35
C GLU B 32 22.28 6.52 -18.94
N ILE B 33 21.16 6.97 -19.49
CA ILE B 33 21.06 8.31 -20.07
C ILE B 33 21.28 9.42 -19.05
N MET B 34 20.78 9.22 -17.84
CA MET B 34 20.99 10.16 -16.76
C MET B 34 22.48 10.22 -16.42
N GLN B 35 23.10 9.05 -16.39
CA GLN B 35 24.53 8.91 -16.07
C GLN B 35 25.44 9.68 -17.04
N THR B 36 25.11 9.65 -18.32
CA THR B 36 25.94 10.30 -19.35
C THR B 36 25.65 11.79 -19.47
N PHE B 37 24.46 12.20 -19.03
CA PHE B 37 24.19 13.61 -18.85
C PHE B 37 25.09 14.21 -17.76
N VAL B 38 25.31 13.46 -16.68
CA VAL B 38 26.19 13.89 -15.59
C VAL B 38 27.65 13.86 -16.07
N LYS B 39 28.06 12.70 -16.60
CA LYS B 39 29.43 12.47 -17.09
C LYS B 39 29.88 13.60 -17.99
N GLN B 40 29.02 13.92 -18.95
CA GLN B 40 29.42 14.81 -20.01
C GLN B 40 29.23 16.28 -19.69
N GLY B 41 28.25 16.59 -18.86
CA GLY B 41 28.15 17.93 -18.31
C GLY B 41 29.28 18.21 -17.31
N ASN B 42 30.04 17.16 -17.00
CA ASN B 42 31.09 17.19 -15.96
C ASN B 42 30.60 17.62 -14.57
N LEU B 43 29.47 17.06 -14.16
CA LEU B 43 28.88 17.39 -12.87
C LEU B 43 29.40 16.46 -11.78
N ASP B 44 29.79 17.07 -10.68
CA ASP B 44 30.16 16.37 -9.45
C ASP B 44 28.88 15.87 -8.80
N VAL B 45 28.35 14.79 -9.35
CA VAL B 45 27.05 14.26 -8.95
C VAL B 45 27.13 12.75 -8.98
N GLU B 46 26.88 12.10 -7.84
CA GLU B 46 26.78 10.64 -7.84
C GLU B 46 25.31 10.25 -7.74
N LEU B 47 24.81 9.55 -8.77
CA LEU B 47 23.42 9.09 -8.79
C LEU B 47 23.28 7.73 -8.12
N GLU B 48 22.27 7.58 -7.26
CA GLU B 48 21.87 6.25 -6.75
C GLU B 48 20.44 5.97 -7.22
N PHE B 49 20.21 4.77 -7.75
CA PHE B 49 18.87 4.42 -8.29
C PHE B 49 18.13 3.41 -7.44
N PHE B 50 16.81 3.58 -7.30
CA PHE B 50 15.99 2.63 -6.55
C PHE B 50 14.60 2.49 -7.18
N GLN B 51 14.22 1.27 -7.59
CA GLN B 51 12.83 1.04 -8.09
C GLN B 51 12.12 0.09 -7.16
N THR B 52 10.84 0.34 -6.93
CA THR B 52 10.06 -0.58 -6.10
C THR B 52 8.58 -0.45 -6.39
N ASN B 53 7.86 -1.55 -6.21
CA ASN B 53 6.40 -1.60 -6.33
C ASN B 53 5.71 -1.44 -4.98
N PHE B 54 6.50 -1.23 -3.94
CA PHE B 54 5.95 -1.12 -2.57
C PHE B 54 5.92 0.31 -2.08
N GLU B 55 4.76 0.75 -1.61
CA GLU B 55 4.63 2.07 -1.06
C GLU B 55 5.56 2.22 0.18
N GLY B 56 5.61 1.21 1.05
CA GLY B 56 6.43 1.28 2.31
C GLY B 56 7.95 1.34 2.06
N GLU B 57 8.41 0.66 1.00
CA GLU B 57 9.83 0.74 0.59
C GLU B 57 10.19 2.14 0.08
N ILE B 58 9.22 2.82 -0.58
CA ILE B 58 9.43 4.21 -0.98
C ILE B 58 9.52 5.11 0.25
N ILE B 59 8.59 4.93 1.19
CA ILE B 59 8.64 5.73 2.40
C ILE B 59 9.99 5.44 3.19
N ASP B 60 10.32 4.16 3.38
CA ASP B 60 11.56 3.75 4.05
C ASP B 60 12.76 4.50 3.44
N LYS B 61 12.90 4.41 2.13
CA LYS B 61 13.97 5.01 1.34
C LYS B 61 14.07 6.55 1.44
N ILE B 62 12.92 7.21 1.59
CA ILE B 62 12.89 8.66 1.74
C ILE B 62 13.33 9.02 3.15
N GLN B 63 12.85 8.26 4.13
CA GLN B 63 13.23 8.45 5.54
C GLN B 63 14.72 8.18 5.80
N GLU B 64 15.29 7.21 5.09
CA GLU B 64 16.70 6.88 5.27
C GLU B 64 17.62 7.94 4.66
N SER B 65 17.11 8.75 3.72
CA SER B 65 17.86 9.88 3.16
C SER B 65 17.99 11.08 4.13
N VAL B 66 17.28 11.02 5.26
CA VAL B 66 17.29 12.08 6.25
C VAL B 66 18.51 11.92 7.16
N GLY B 67 19.38 12.93 7.15
CA GLY B 67 20.67 12.89 7.87
C GLY B 67 21.72 12.05 7.15
N SER B 68 21.35 11.53 5.98
CA SER B 68 22.27 10.75 5.14
C SER B 68 23.15 11.69 4.33
N ASP B 69 23.91 11.08 3.42
CA ASP B 69 24.75 11.81 2.46
C ASP B 69 24.02 12.38 1.23
N TYR B 70 22.70 12.17 1.15
CA TYR B 70 21.90 12.65 -0.01
C TYR B 70 21.48 14.08 0.14
N GLU B 71 21.63 14.81 -0.96
CA GLU B 71 21.30 16.21 -1.02
C GLU B 71 19.95 16.46 -1.71
N GLY B 72 19.48 15.50 -2.50
CA GLY B 72 18.18 15.67 -3.16
C GLY B 72 17.61 14.39 -3.74
N ILE B 73 16.29 14.38 -3.95
CA ILE B 73 15.60 13.23 -4.50
C ILE B 73 14.88 13.61 -5.79
N ILE B 74 15.04 12.77 -6.81
CA ILE B 74 14.22 12.82 -8.01
C ILE B 74 13.28 11.62 -7.93
N ILE B 75 11.96 11.87 -7.94
CA ILE B 75 10.96 10.77 -7.78
C ILE B 75 9.88 10.70 -8.87
N ASN B 76 9.63 9.48 -9.34
CA ASN B 76 8.44 9.17 -10.09
C ASN B 76 7.60 8.14 -9.31
N PRO B 77 6.68 8.60 -8.46
CA PRO B 77 5.91 7.62 -7.66
C PRO B 77 4.89 6.77 -8.45
N GLY B 78 4.82 6.91 -9.77
CA GLY B 78 3.88 6.14 -10.64
C GLY B 78 2.45 6.32 -10.12
N ALA B 79 1.69 5.21 -10.02
CA ALA B 79 0.29 5.30 -9.65
C ALA B 79 0.12 5.79 -8.24
N PHE B 80 1.11 5.58 -7.38
CA PHE B 80 1.04 6.04 -6.02
C PHE B 80 0.98 7.56 -5.92
N SER B 81 1.36 8.27 -6.98
CA SER B 81 1.24 9.72 -7.01
C SER B 81 -0.18 10.11 -6.63
N HIS B 82 -1.16 9.35 -7.10
CA HIS B 82 -2.53 9.83 -7.04
C HIS B 82 -3.21 9.47 -5.76
N THR B 83 -2.62 8.55 -5.01
CA THR B 83 -3.31 7.87 -3.92
C THR B 83 -2.55 8.03 -2.59
N SER B 84 -1.22 8.12 -2.63
CA SER B 84 -0.39 8.02 -1.40
C SER B 84 -0.21 9.32 -0.64
N ILE B 85 -1.11 9.60 0.29
CA ILE B 85 -0.89 10.62 1.30
C ILE B 85 0.39 10.30 2.15
N ALA B 86 0.65 9.01 2.40
CA ALA B 86 1.83 8.63 3.22
C ALA B 86 3.16 8.96 2.53
N ILE B 87 3.26 8.71 1.22
CA ILE B 87 4.45 9.16 0.50
C ILE B 87 4.52 10.69 0.48
N ALA B 88 3.37 11.38 0.38
CA ALA B 88 3.40 12.83 0.36
C ALA B 88 3.90 13.34 1.68
N ASP B 89 3.43 12.73 2.77
CA ASP B 89 3.88 13.12 4.10
C ASP B 89 5.41 12.85 4.29
N ALA B 90 5.93 11.74 3.74
CA ALA B 90 7.38 11.46 3.81
C ALA B 90 8.17 12.55 3.09
N ILE B 91 7.70 12.93 1.91
CA ILE B 91 8.29 14.03 1.15
C ILE B 91 8.35 15.36 1.93
N MET B 92 7.27 15.74 2.62
CA MET B 92 7.27 16.96 3.42
C MET B 92 8.28 16.92 4.58
N LEU B 93 8.55 15.74 5.12
CA LEU B 93 9.55 15.61 6.18
C LEU B 93 10.97 15.34 5.64
N ALA B 94 11.20 15.38 4.32
CA ALA B 94 12.53 15.01 3.79
C ALA B 94 13.62 16.03 4.12
N GLY B 95 13.25 17.31 4.23
CA GLY B 95 14.20 18.39 4.52
C GLY B 95 15.22 18.59 3.43
N LYS B 96 14.83 18.33 2.20
CA LYS B 96 15.74 18.49 1.04
C LYS B 96 14.91 18.58 -0.22
N PRO B 97 15.48 19.13 -1.31
CA PRO B 97 14.72 19.26 -2.53
C PRO B 97 14.21 17.91 -3.06
N VAL B 98 12.98 17.89 -3.53
CA VAL B 98 12.43 16.68 -4.13
C VAL B 98 11.70 17.13 -5.38
N ILE B 99 12.05 16.52 -6.51
CA ILE B 99 11.46 16.82 -7.79
C ILE B 99 10.66 15.62 -8.27
N GLU B 100 9.40 15.85 -8.64
CA GLU B 100 8.59 14.78 -9.19
C GLU B 100 8.66 14.73 -10.71
N VAL B 101 8.82 13.53 -11.26
CA VAL B 101 8.79 13.31 -12.71
C VAL B 101 7.70 12.33 -13.13
N HIS B 102 6.98 12.67 -14.18
CA HIS B 102 6.14 11.75 -14.90
C HIS B 102 6.55 11.67 -16.34
N LEU B 103 6.66 10.45 -16.83
CA LEU B 103 6.83 10.19 -18.26
C LEU B 103 5.70 10.82 -19.10
N THR B 104 4.46 10.61 -18.66
CA THR B 104 3.27 11.05 -19.41
C THR B 104 2.72 12.35 -18.83
N ASN B 105 1.84 13.01 -19.58
CA ASN B 105 1.15 14.20 -19.07
C ASN B 105 -0.07 13.75 -18.25
N ILE B 106 0.00 13.81 -16.94
CA ILE B 106 -1.13 13.35 -16.13
C ILE B 106 -2.35 14.28 -16.15
N GLN B 107 -2.22 15.45 -16.76
CA GLN B 107 -3.38 16.32 -16.97
C GLN B 107 -4.19 15.84 -18.17
N ALA B 108 -3.59 14.98 -19.01
CA ALA B 108 -4.25 14.62 -20.29
C ALA B 108 -4.73 13.17 -20.36
N ARG B 109 -4.91 12.52 -19.21
CA ARG B 109 -5.30 11.09 -19.22
C ARG B 109 -6.64 10.87 -18.49
N GLU B 110 -6.83 9.73 -17.81
CA GLU B 110 -8.05 9.51 -16.99
C GLU B 110 -8.19 10.52 -15.85
N GLU B 111 -9.44 10.82 -15.47
CA GLU B 111 -9.66 11.75 -14.33
C GLU B 111 -8.92 11.30 -13.07
N PHE B 112 -8.81 9.98 -12.86
CA PHE B 112 -8.18 9.55 -11.60
C PHE B 112 -6.67 9.81 -11.51
N ARG B 113 -6.01 10.13 -12.62
CA ARG B 113 -4.57 10.43 -12.61
C ARG B 113 -4.26 11.92 -12.44
N LYS B 114 -5.29 12.78 -12.38
CA LYS B 114 -5.04 14.21 -12.41
C LYS B 114 -4.50 14.73 -11.07
N ASN B 115 -5.01 14.20 -9.99
CA ASN B 115 -4.50 14.56 -8.68
C ASN B 115 -3.14 13.95 -8.42
N SER B 116 -2.17 14.74 -7.96
CA SER B 116 -0.94 14.17 -7.42
C SER B 116 -0.68 14.68 -6.00
N TYR B 117 -0.95 13.86 -4.98
CA TYR B 117 -0.61 14.25 -3.59
C TYR B 117 0.90 14.43 -3.41
N THR B 118 1.66 13.52 -4.01
CA THR B 118 3.13 13.59 -3.96
C THR B 118 3.67 14.83 -4.67
N GLY B 119 3.07 15.19 -5.80
CA GLY B 119 3.47 16.34 -6.59
C GLY B 119 3.29 17.67 -5.87
N ALA B 120 2.14 17.82 -5.19
CA ALA B 120 1.82 18.94 -4.33
C ALA B 120 2.80 19.12 -3.20
N ALA B 121 3.35 18.02 -2.68
CA ALA B 121 4.38 18.11 -1.64
C ALA B 121 5.80 18.40 -2.17
N CYS B 122 6.08 18.05 -3.41
CA CYS B 122 7.39 18.35 -4.03
C CYS B 122 7.54 19.85 -4.40
N GLY B 123 8.78 20.34 -4.47
CA GLY B 123 8.99 21.73 -4.97
C GLY B 123 8.52 21.98 -6.41
N GLY B 124 8.70 20.99 -7.27
CA GLY B 124 8.45 21.16 -8.67
C GLY B 124 8.08 19.84 -9.32
N VAL B 125 7.36 19.92 -10.43
CA VAL B 125 6.87 18.75 -11.10
C VAL B 125 7.11 18.90 -12.57
N ILE B 126 7.49 17.79 -13.21
CA ILE B 126 7.76 17.72 -14.62
C ILE B 126 7.02 16.58 -15.23
N MET B 127 6.28 16.85 -16.31
CA MET B 127 5.52 15.76 -16.89
C MET B 127 5.34 15.86 -18.39
N GLY B 128 5.28 14.71 -19.04
CA GLY B 128 4.91 14.63 -20.44
C GLY B 128 6.06 14.65 -21.43
N PHE B 129 7.30 14.62 -20.95
CA PHE B 129 8.50 14.66 -21.81
C PHE B 129 9.12 13.26 -22.03
N GLY B 130 8.42 12.20 -21.62
CA GLY B 130 9.05 10.88 -21.55
C GLY B 130 10.39 10.88 -20.80
N PRO B 131 11.35 10.04 -21.23
CA PRO B 131 12.66 9.88 -20.58
C PRO B 131 13.42 11.18 -20.33
N LEU B 132 13.37 12.08 -21.28
CA LEU B 132 14.00 13.39 -21.18
C LEU B 132 13.63 14.14 -19.90
N GLY B 133 12.42 13.88 -19.36
CA GLY B 133 12.03 14.57 -18.14
C GLY B 133 12.98 14.35 -16.99
N TYR B 134 13.62 13.18 -16.96
CA TYR B 134 14.57 12.89 -15.88
C TYR B 134 15.85 13.73 -16.03
N ASN B 135 16.29 13.92 -17.28
CA ASN B 135 17.44 14.85 -17.52
C ASN B 135 17.10 16.29 -17.12
N MET B 136 15.85 16.69 -17.39
CA MET B 136 15.33 17.99 -16.97
C MET B 136 15.40 18.18 -15.48
N ALA B 137 14.98 17.15 -14.75
CA ALA B 137 15.03 17.14 -13.29
C ALA B 137 16.47 17.20 -12.80
N LEU B 138 17.39 16.55 -13.50
CA LEU B 138 18.80 16.59 -13.04
C LEU B 138 19.35 17.99 -13.21
N MET B 139 19.14 18.57 -14.38
CA MET B 139 19.51 19.97 -14.57
C MET B 139 18.93 20.90 -13.49
N ALA B 140 17.65 20.74 -13.15
CA ALA B 140 17.05 21.56 -12.11
C ALA B 140 17.66 21.32 -10.77
N MET B 141 17.87 20.04 -10.44
CA MET B 141 18.40 19.72 -9.12
C MET B 141 19.80 20.36 -8.92
N VAL B 142 20.65 20.23 -9.94
CA VAL B 142 21.98 20.82 -9.88
C VAL B 142 21.90 22.33 -9.63
N ASN B 143 21.03 23.01 -10.38
CA ASN B 143 20.84 24.45 -10.19
C ASN B 143 20.21 24.83 -8.87
N ILE B 144 19.31 23.99 -8.37
CA ILE B 144 18.69 24.25 -7.07
C ILE B 144 19.74 24.15 -5.95
N LEU B 145 20.56 23.11 -6.03
CA LEU B 145 21.60 22.85 -5.04
C LEU B 145 22.74 23.88 -5.06
N ALA B 146 23.24 24.23 -6.25
CA ALA B 146 24.20 25.34 -6.40
C ALA B 146 23.64 26.61 -5.76
N GLU B 147 22.42 26.98 -6.15
CA GLU B 147 21.76 28.18 -5.65
C GLU B 147 21.60 28.17 -4.12
N MET B 148 21.32 26.99 -3.55
CA MET B 148 21.15 26.83 -2.10
C MET B 148 22.44 26.98 -1.32
N LYS B 149 23.52 26.43 -1.86
CA LYS B 149 24.84 26.51 -1.23
C LYS B 149 25.42 27.92 -1.35
N ALA B 150 25.32 28.50 -2.54
CA ALA B 150 25.80 29.86 -2.79
C ALA B 150 25.05 30.88 -1.93
N PHE B 151 23.77 30.61 -1.66
CA PHE B 151 22.99 31.42 -0.72
C PHE B 151 23.50 31.25 0.69
N GLN B 152 23.94 30.03 1.03
CA GLN B 152 24.44 29.77 2.37
C GLN B 152 25.94 29.95 2.54
N GLU B 153 26.58 30.44 1.47
CA GLU B 153 27.92 30.97 1.54
C GLU B 153 27.83 32.41 2.06
N ALA B 154 27.23 33.28 1.25
CA ALA B 154 26.99 34.69 1.60
C ALA B 154 26.02 34.86 2.79
N GLN B 155 25.61 33.71 3.36
CA GLN B 155 24.70 33.65 4.51
C GLN B 155 25.36 34.16 5.80
N LYS B 156 26.29 33.39 6.34
CA LYS B 156 26.99 33.72 7.59
C LYS B 156 27.77 35.04 7.47
N ASN B 157 28.40 35.24 6.31
CA ASN B 157 29.20 36.44 6.02
C ASN B 157 28.33 37.69 5.81
N MET C 1 -2.92 -8.32 31.08
CA MET C 1 -3.28 -8.21 29.63
CA MET C 1 -3.27 -8.25 29.63
C MET C 1 -2.10 -7.76 28.78
N LYS C 2 -1.83 -8.46 27.69
CA LYS C 2 -0.94 -8.01 26.64
C LYS C 2 -1.79 -7.06 25.75
N ILE C 3 -1.29 -5.84 25.56
CA ILE C 3 -1.91 -4.84 24.69
C ILE C 3 -0.92 -4.50 23.60
N LEU C 4 -1.36 -4.62 22.35
CA LEU C 4 -0.50 -4.30 21.22
C LEU C 4 -0.70 -2.85 20.73
N VAL C 5 0.39 -2.10 20.61
CA VAL C 5 0.38 -0.73 20.09
C VAL C 5 0.99 -0.68 18.68
N ILE C 6 0.16 -0.39 17.69
CA ILE C 6 0.66 -0.26 16.31
C ILE C 6 0.75 1.19 15.85
N GLN C 7 1.90 1.59 15.30
CA GLN C 7 2.11 2.97 14.86
C GLN C 7 2.39 2.87 13.38
N GLY C 8 1.68 3.67 12.59
CA GLY C 8 1.78 3.60 11.15
C GLY C 8 2.87 4.43 10.52
N PRO C 9 2.71 4.75 9.22
CA PRO C 9 3.83 5.35 8.49
C PRO C 9 4.19 6.73 8.98
N ASN C 10 5.49 7.01 8.89
CA ASN C 10 6.11 8.27 9.29
C ASN C 10 6.11 8.60 10.76
N LEU C 11 5.36 7.83 11.54
CA LEU C 11 5.34 8.05 12.98
C LEU C 11 6.69 7.83 13.66
N ASN C 12 7.57 7.08 13.01
CA ASN C 12 8.94 6.87 13.49
C ASN C 12 9.80 8.11 13.31
N MET C 13 9.32 9.07 12.52
CA MET C 13 10.06 10.30 12.26
C MET C 13 9.69 11.44 13.19
N LEU C 14 8.87 11.17 14.20
CA LEU C 14 8.50 12.16 15.18
C LEU C 14 9.72 12.70 15.92
N GLY C 15 9.68 14.00 16.23
CA GLY C 15 10.78 14.71 16.89
C GLY C 15 11.98 14.88 15.99
N HIS C 16 11.83 14.48 14.72
CA HIS C 16 12.94 14.51 13.76
C HIS C 16 12.58 15.37 12.56
N ARG C 17 11.35 15.93 12.60
CA ARG C 17 10.78 16.87 11.60
C ARG C 17 9.37 17.33 12.03
N ASP C 18 9.12 18.64 11.93
CA ASP C 18 7.76 19.28 11.85
C ASP C 18 7.07 19.85 13.13
N PRO C 19 7.80 20.67 13.93
CA PRO C 19 7.35 21.04 15.28
C PRO C 19 6.26 22.12 15.25
N ARG C 20 5.00 21.70 15.07
CA ARG C 20 3.88 22.62 14.83
C ARG C 20 2.53 21.96 15.13
N LEU C 21 2.37 20.73 14.61
CA LEU C 21 1.24 19.87 14.90
C LEU C 21 1.75 18.74 15.80
N TYR C 22 3.08 18.58 15.80
CA TYR C 22 3.77 17.37 16.34
C TYR C 22 4.70 17.62 17.54
N GLY C 23 5.23 18.83 17.67
CA GLY C 23 6.17 19.14 18.77
C GLY C 23 7.57 18.63 18.51
N MET C 24 8.18 17.96 19.51
CA MET C 24 9.58 17.52 19.45
C MET C 24 9.91 16.17 20.13
N VAL C 25 8.93 15.63 20.84
CA VAL C 25 9.00 14.30 21.45
C VAL C 25 9.12 13.20 20.36
N THR C 26 9.90 12.15 20.61
CA THR C 26 10.04 11.02 19.69
C THR C 26 9.04 9.88 19.97
N LEU C 27 9.03 8.89 19.08
CA LEU C 27 8.14 7.76 19.21
C LEU C 27 8.50 6.90 20.41
N ASP C 28 9.79 6.64 20.56
CA ASP C 28 10.36 5.93 21.71
C ASP C 28 9.97 6.56 23.06
N GLN C 29 9.97 7.88 23.11
CA GLN C 29 9.55 8.61 24.30
C GLN C 29 8.06 8.49 24.62
N ILE C 30 7.23 8.44 23.58
CA ILE C 30 5.81 8.27 23.75
C ILE C 30 5.57 6.90 24.36
N HIS C 31 6.31 5.91 23.86
CA HIS C 31 6.21 4.55 24.39
C HIS C 31 6.72 4.46 25.86
N GLU C 32 7.75 5.24 26.18
CA GLU C 32 8.18 5.30 27.59
C GLU C 32 7.12 6.04 28.44
N ILE C 33 6.53 7.09 27.87
CA ILE C 33 5.40 7.78 28.53
C ILE C 33 4.21 6.85 28.81
N MET C 34 3.99 5.89 27.91
CA MET C 34 2.91 4.91 28.12
C MET C 34 3.21 3.92 29.25
N GLN C 35 4.43 3.38 29.28
CA GLN C 35 4.87 2.44 30.32
C GLN C 35 4.73 3.09 31.72
N THR C 36 5.16 4.34 31.80
CA THR C 36 5.06 5.21 32.98
C THR C 36 3.62 5.38 33.43
N PHE C 37 2.67 5.27 32.51
CA PHE C 37 1.28 5.43 32.86
C PHE C 37 0.77 4.12 33.42
N VAL C 38 1.30 3.02 32.90
CA VAL C 38 0.95 1.68 33.38
C VAL C 38 1.44 1.54 34.82
N LYS C 39 2.60 2.14 35.11
CA LYS C 39 3.20 2.08 36.45
C LYS C 39 2.46 2.93 37.46
N GLN C 40 2.39 4.24 37.19
CA GLN C 40 1.76 5.22 38.08
C GLN C 40 0.28 4.96 38.36
N GLY C 41 -0.28 3.94 37.71
CA GLY C 41 -1.66 3.51 37.94
C GLY C 41 -1.72 2.02 38.23
N ASN C 42 -0.56 1.36 38.24
CA ASN C 42 -0.47 -0.04 38.62
C ASN C 42 -1.44 -0.93 37.80
N LEU C 43 -1.45 -0.72 36.48
CA LEU C 43 -2.38 -1.42 35.60
C LEU C 43 -1.77 -2.75 35.27
N ASP C 44 -2.61 -3.77 35.21
CA ASP C 44 -2.10 -5.09 34.92
C ASP C 44 -2.02 -5.29 33.39
N VAL C 45 -1.02 -4.63 32.80
CA VAL C 45 -0.96 -4.40 31.36
C VAL C 45 0.49 -4.61 30.89
N GLU C 46 0.68 -5.44 29.86
CA GLU C 46 1.99 -5.64 29.23
C GLU C 46 1.94 -5.10 27.80
N LEU C 47 2.78 -4.12 27.48
CA LEU C 47 2.70 -3.46 26.18
C LEU C 47 3.68 -3.99 25.16
N GLU C 48 3.21 -4.25 23.95
CA GLU C 48 4.14 -4.48 22.84
C GLU C 48 3.98 -3.42 21.76
N PHE C 49 5.09 -2.86 21.31
CA PHE C 49 5.08 -1.74 20.36
C PHE C 49 5.55 -2.17 18.97
N PHE C 50 4.88 -1.65 17.92
CA PHE C 50 5.26 -1.98 16.54
C PHE C 50 5.01 -0.79 15.59
N GLN C 51 6.06 -0.32 14.91
CA GLN C 51 5.91 0.74 13.91
C GLN C 51 6.30 0.18 12.58
N THR C 52 5.57 0.59 11.54
CA THR C 52 5.88 0.24 10.16
C THR C 52 5.31 1.26 9.17
N ASN C 53 5.95 1.35 8.00
CA ASN C 53 5.48 2.19 6.93
C ASN C 53 4.74 1.37 5.89
N PHE C 54 4.53 0.09 6.22
CA PHE C 54 3.87 -0.83 5.27
C PHE C 54 2.46 -1.14 5.66
N GLU C 55 1.53 -0.85 4.75
CA GLU C 55 0.15 -1.24 4.93
C GLU C 55 0.03 -2.75 5.22
N GLY C 56 0.73 -3.59 4.46
CA GLY C 56 0.61 -5.08 4.64
C GLY C 56 1.19 -5.59 5.97
N GLU C 57 2.23 -4.93 6.47
CA GLU C 57 2.78 -5.30 7.80
C GLU C 57 1.79 -4.99 8.91
N ILE C 58 1.07 -3.85 8.77
CA ILE C 58 0.01 -3.52 9.70
C ILE C 58 -1.08 -4.60 9.66
N ILE C 59 -1.50 -4.99 8.45
CA ILE C 59 -2.55 -6.02 8.32
C ILE C 59 -2.06 -7.39 8.87
N ASP C 60 -0.84 -7.78 8.52
CA ASP C 60 -0.24 -9.06 9.02
C ASP C 60 -0.27 -9.09 10.57
N LYS C 61 0.12 -7.97 11.15
CA LYS C 61 0.22 -7.82 12.60
C LYS C 61 -1.13 -7.88 13.29
N ILE C 62 -2.16 -7.27 12.69
CA ILE C 62 -3.52 -7.36 13.27
C ILE C 62 -4.02 -8.81 13.17
N GLN C 63 -3.74 -9.43 12.02
CA GLN C 63 -4.12 -10.80 11.76
C GLN C 63 -3.41 -11.74 12.76
N GLU C 64 -2.12 -11.49 13.00
CA GLU C 64 -1.29 -12.32 13.89
C GLU C 64 -1.82 -12.24 15.33
N SER C 65 -2.47 -11.13 15.66
CA SER C 65 -3.08 -10.97 16.98
C SER C 65 -4.34 -11.85 17.22
N VAL C 66 -4.92 -12.39 16.14
CA VAL C 66 -6.12 -13.17 16.25
C VAL C 66 -5.80 -14.56 16.81
N GLY C 67 -6.44 -14.90 17.92
CA GLY C 67 -6.06 -16.10 18.67
C GLY C 67 -4.60 -15.96 19.03
N SER C 68 -4.30 -14.99 19.88
CA SER C 68 -2.94 -14.74 20.36
C SER C 68 -3.04 -14.30 21.82
N ASP C 69 -1.91 -13.88 22.41
CA ASP C 69 -1.92 -13.39 23.79
C ASP C 69 -2.66 -12.06 23.92
N TYR C 70 -2.81 -11.34 22.81
CA TYR C 70 -3.28 -9.95 22.82
C TYR C 70 -4.76 -9.76 23.09
N GLU C 71 -5.04 -8.88 24.04
CA GLU C 71 -6.39 -8.67 24.48
C GLU C 71 -7.01 -7.46 23.78
N GLY C 72 -6.15 -6.64 23.19
CA GLY C 72 -6.64 -5.44 22.50
C GLY C 72 -5.53 -4.71 21.81
N ILE C 73 -5.91 -3.77 20.92
CA ILE C 73 -4.97 -3.06 20.06
C ILE C 73 -5.25 -1.55 20.12
N ILE C 74 -4.20 -0.78 20.31
CA ILE C 74 -4.27 0.65 20.19
C ILE C 74 -3.50 0.98 18.90
N ILE C 75 -4.16 1.65 17.96
CA ILE C 75 -3.55 1.88 16.64
C ILE C 75 -3.61 3.35 16.15
N ASN C 76 -2.50 3.82 15.61
CA ASN C 76 -2.43 5.08 14.87
C ASN C 76 -2.00 4.73 13.44
N PRO C 77 -2.96 4.47 12.54
CA PRO C 77 -2.64 4.11 11.16
C PRO C 77 -2.04 5.24 10.33
N GLY C 78 -1.85 6.41 10.90
CA GLY C 78 -1.18 7.48 10.16
C GLY C 78 -2.01 7.89 8.94
N ALA C 79 -1.34 8.21 7.83
CA ALA C 79 -1.99 8.58 6.59
C ALA C 79 -2.87 7.43 6.00
N PHE C 80 -2.55 6.18 6.34
CA PHE C 80 -3.35 5.03 5.88
C PHE C 80 -4.76 5.02 6.47
N SER C 81 -4.99 5.80 7.55
CA SER C 81 -6.33 5.98 8.12
C SER C 81 -7.30 6.42 7.04
N HIS C 82 -6.86 7.23 6.10
CA HIS C 82 -7.83 7.91 5.23
C HIS C 82 -8.05 7.14 3.96
N THR C 83 -7.17 6.18 3.71
CA THR C 83 -7.18 5.46 2.43
C THR C 83 -7.37 3.93 2.54
N SER C 84 -7.02 3.34 3.69
CA SER C 84 -6.87 1.86 3.75
C SER C 84 -8.17 1.17 4.10
N ILE C 85 -8.93 0.78 3.07
CA ILE C 85 -10.10 -0.09 3.30
C ILE C 85 -9.60 -1.47 3.82
N ALA C 86 -8.40 -1.87 3.40
CA ALA C 86 -7.86 -3.21 3.80
C ALA C 86 -7.52 -3.28 5.29
N ILE C 87 -6.91 -2.22 5.83
CA ILE C 87 -6.67 -2.13 7.28
C ILE C 87 -8.00 -2.08 8.04
N ALA C 88 -8.99 -1.31 7.55
CA ALA C 88 -10.32 -1.33 8.17
C ALA C 88 -10.94 -2.71 8.18
N ASP C 89 -10.80 -3.44 7.09
CA ASP C 89 -11.38 -4.79 7.06
C ASP C 89 -10.65 -5.72 8.13
N ALA C 90 -9.34 -5.62 8.20
CA ALA C 90 -8.55 -6.36 9.18
C ALA C 90 -9.03 -6.03 10.59
N ILE C 91 -9.20 -4.73 10.89
CA ILE C 91 -9.75 -4.31 12.18
C ILE C 91 -11.12 -4.94 12.44
N MET C 92 -11.99 -4.97 11.43
CA MET C 92 -13.30 -5.59 11.59
C MET C 92 -13.28 -7.09 11.92
N LEU C 93 -12.24 -7.81 11.50
CA LEU C 93 -12.11 -9.22 11.87
C LEU C 93 -11.24 -9.52 13.11
N ALA C 94 -10.75 -8.50 13.79
CA ALA C 94 -9.79 -8.74 14.88
C ALA C 94 -10.40 -9.51 16.05
N GLY C 95 -11.72 -9.39 16.24
CA GLY C 95 -12.42 -10.06 17.33
C GLY C 95 -12.01 -9.63 18.73
N LYS C 96 -11.73 -8.35 18.88
CA LYS C 96 -11.26 -7.79 20.16
C LYS C 96 -11.25 -6.29 20.00
N PRO C 97 -11.30 -5.56 21.12
CA PRO C 97 -11.37 -4.09 21.06
C PRO C 97 -10.18 -3.44 20.38
N VAL C 98 -10.46 -2.45 19.52
CA VAL C 98 -9.40 -1.71 18.86
C VAL C 98 -9.75 -0.24 18.98
N ILE C 99 -8.77 0.57 19.35
CA ILE C 99 -8.96 2.00 19.58
C ILE C 99 -8.00 2.73 18.69
N GLU C 100 -8.50 3.73 17.99
CA GLU C 100 -7.66 4.55 17.14
C GLU C 100 -7.25 5.85 17.83
N VAL C 101 -5.98 6.20 17.65
CA VAL C 101 -5.44 7.44 18.18
C VAL C 101 -4.85 8.26 17.05
N HIS C 102 -5.09 9.57 17.07
CA HIS C 102 -4.30 10.50 16.27
C HIS C 102 -3.65 11.57 17.14
N LEU C 103 -2.43 11.93 16.80
CA LEU C 103 -1.72 13.03 17.48
C LEU C 103 -2.41 14.38 17.21
N THR C 104 -2.78 14.60 15.95
CA THR C 104 -3.41 15.82 15.55
C THR C 104 -4.90 15.67 15.48
N ASN C 105 -5.58 16.80 15.45
CA ASN C 105 -7.00 16.84 15.25
C ASN C 105 -7.30 16.73 13.75
N ILE C 106 -7.78 15.58 13.34
CA ILE C 106 -7.97 15.35 11.89
C ILE C 106 -9.24 15.97 11.35
N GLN C 107 -10.07 16.52 12.23
CA GLN C 107 -11.20 17.33 11.73
C GLN C 107 -10.74 18.72 11.41
N ALA C 108 -9.53 19.11 11.83
CA ALA C 108 -9.10 20.52 11.70
C ALA C 108 -7.96 20.71 10.69
N ARG C 109 -7.71 19.74 9.81
CA ARG C 109 -6.60 19.89 8.88
C ARG C 109 -7.11 19.89 7.43
N GLU C 110 -6.31 19.39 6.49
CA GLU C 110 -6.80 19.25 5.09
C GLU C 110 -8.06 18.36 4.96
N GLU C 111 -8.81 18.61 3.89
CA GLU C 111 -10.04 17.90 3.65
C GLU C 111 -9.79 16.39 3.48
N PHE C 112 -8.69 16.02 2.80
CA PHE C 112 -8.36 14.58 2.61
C PHE C 112 -7.99 13.78 3.88
N ARG C 113 -7.84 14.48 5.02
CA ARG C 113 -7.57 13.80 6.31
C ARG C 113 -8.81 13.60 7.14
N LYS C 114 -9.95 14.13 6.69
CA LYS C 114 -11.14 14.06 7.51
C LYS C 114 -11.76 12.65 7.62
N ASN C 115 -11.72 11.89 6.53
CA ASN C 115 -12.30 10.56 6.54
C ASN C 115 -11.31 9.64 7.23
N SER C 116 -11.78 8.83 8.19
CA SER C 116 -10.98 7.69 8.65
C SER C 116 -11.73 6.38 8.42
N TYR C 117 -11.36 5.64 7.38
CA TYR C 117 -11.97 4.31 7.17
C TYR C 117 -11.64 3.42 8.37
N THR C 118 -10.42 3.53 8.85
CA THR C 118 -9.97 2.72 10.02
C THR C 118 -10.72 3.07 11.31
N GLY C 119 -10.90 4.38 11.54
CA GLY C 119 -11.55 4.89 12.73
C GLY C 119 -12.98 4.42 12.83
N ALA C 120 -13.67 4.38 11.69
CA ALA C 120 -15.01 3.92 11.61
C ALA C 120 -15.13 2.44 11.97
N ALA C 121 -14.08 1.66 11.76
CA ALA C 121 -14.11 0.22 12.13
C ALA C 121 -13.75 0.03 13.61
N CYS C 122 -13.00 0.98 14.19
CA CYS C 122 -12.56 0.89 15.60
C CYS C 122 -13.73 1.15 16.53
N GLY C 123 -13.62 0.71 17.78
CA GLY C 123 -14.72 0.99 18.75
C GLY C 123 -14.84 2.47 19.13
N GLY C 124 -13.71 3.17 19.12
CA GLY C 124 -13.63 4.58 19.54
C GLY C 124 -12.40 5.23 18.94
N VAL C 125 -12.38 6.57 18.91
CA VAL C 125 -11.32 7.29 18.24
C VAL C 125 -10.89 8.47 19.11
N ILE C 126 -9.59 8.74 19.14
CA ILE C 126 -9.07 9.85 19.94
C ILE C 126 -8.17 10.70 19.09
N MET C 127 -8.41 12.01 19.11
CA MET C 127 -7.60 12.87 18.28
C MET C 127 -7.31 14.24 18.86
N GLY C 128 -6.11 14.74 18.59
CA GLY C 128 -5.78 16.11 18.87
C GLY C 128 -5.11 16.40 20.22
N PHE C 129 -4.69 15.37 20.95
CA PHE C 129 -4.07 15.53 22.30
C PHE C 129 -2.54 15.31 22.32
N GLY C 130 -1.95 15.09 21.14
CA GLY C 130 -0.57 14.64 21.03
C GLY C 130 -0.36 13.34 21.77
N PRO C 131 0.88 13.13 22.30
CA PRO C 131 1.30 11.91 23.03
C PRO C 131 0.30 11.42 24.06
N LEU C 132 -0.28 12.35 24.81
CA LEU C 132 -1.28 12.05 25.81
C LEU C 132 -2.41 11.17 25.30
N GLY C 133 -2.72 11.27 24.00
CA GLY C 133 -3.79 10.47 23.41
C GLY C 133 -3.60 8.98 23.65
N TYR C 134 -2.34 8.54 23.61
CA TYR C 134 -2.07 7.11 23.82
C TYR C 134 -2.41 6.59 25.24
N ASN C 135 -2.23 7.46 26.24
CA ASN C 135 -2.57 7.13 27.64
C ASN C 135 -4.05 7.16 27.86
N MET C 136 -4.74 8.06 27.16
CA MET C 136 -6.18 8.08 27.19
C MET C 136 -6.74 6.78 26.61
N ALA C 137 -6.11 6.29 25.55
CA ALA C 137 -6.54 5.02 24.93
C ALA C 137 -6.30 3.83 25.89
N LEU C 138 -5.19 3.89 26.62
CA LEU C 138 -4.83 2.86 27.60
C LEU C 138 -5.92 2.71 28.66
N MET C 139 -6.32 3.85 29.21
CA MET C 139 -7.33 3.95 30.24
C MET C 139 -8.65 3.38 29.76
N ALA C 140 -9.02 3.71 28.52
CA ALA C 140 -10.23 3.11 27.94
C ALA C 140 -10.09 1.62 27.70
N MET C 141 -8.92 1.15 27.22
CA MET C 141 -8.75 -0.28 26.93
C MET C 141 -8.98 -1.10 28.21
N VAL C 142 -8.34 -0.70 29.30
CA VAL C 142 -8.49 -1.36 30.61
C VAL C 142 -9.97 -1.44 31.03
N ASN C 143 -10.67 -0.31 30.99
CA ASN C 143 -12.09 -0.28 31.34
C ASN C 143 -12.98 -1.19 30.47
N ILE C 144 -12.77 -1.14 29.16
CA ILE C 144 -13.52 -1.98 28.24
C ILE C 144 -13.28 -3.46 28.56
N LEU C 145 -12.00 -3.82 28.73
CA LEU C 145 -11.61 -5.21 29.02
C LEU C 145 -12.23 -5.72 30.33
N ALA C 146 -12.12 -4.91 31.39
CA ALA C 146 -12.73 -5.22 32.69
C ALA C 146 -14.23 -5.46 32.58
N GLU C 147 -14.92 -4.63 31.80
CA GLU C 147 -16.36 -4.77 31.60
C GLU C 147 -16.75 -5.97 30.76
N MET C 148 -15.91 -6.34 29.79
CA MET C 148 -16.09 -7.58 29.03
C MET C 148 -15.91 -8.78 29.97
N LYS C 149 -14.84 -8.75 30.78
CA LYS C 149 -14.53 -9.82 31.71
C LYS C 149 -15.66 -10.02 32.73
N ALA C 150 -16.08 -8.94 33.39
CA ALA C 150 -17.15 -8.99 34.38
C ALA C 150 -18.47 -9.53 33.80
N PHE C 151 -18.80 -9.09 32.59
CA PHE C 151 -20.00 -9.53 31.88
C PHE C 151 -19.96 -11.02 31.60
N GLN C 152 -18.78 -11.50 31.21
CA GLN C 152 -18.56 -12.91 30.92
C GLN C 152 -18.58 -13.75 32.20
N GLU C 153 -18.00 -13.22 33.27
CA GLU C 153 -17.97 -13.89 34.58
C GLU C 153 -19.38 -14.05 35.17
N ALA C 154 -20.24 -13.08 34.89
CA ALA C 154 -21.64 -13.10 35.32
C ALA C 154 -22.60 -13.65 34.24
N GLN C 155 -22.03 -14.20 33.17
CA GLN C 155 -22.80 -14.86 32.10
C GLN C 155 -22.97 -16.37 32.36
N LYS C 156 -22.00 -16.96 33.09
CA LYS C 156 -22.00 -18.39 33.43
C LYS C 156 -22.72 -18.70 34.75
N ASN C 157 -22.84 -17.69 35.61
CA ASN C 157 -23.38 -17.84 36.98
C ASN C 157 -24.89 -18.02 37.04
CAA 3DQ D . -12.83 -12.78 6.65
OAN 3DQ D . -12.13 -11.75 5.95
CAR 3DQ D . -12.64 -11.21 4.80
CAK 3DQ D . -12.91 -9.84 4.68
CAI 3DQ D . -13.42 -9.34 3.47
CAJ 3DQ D . -12.87 -12.06 3.72
CAH 3DQ D . -13.39 -11.55 2.53
CAQ 3DQ D . -13.67 -10.19 2.36
CAL 3DQ D . -14.29 -9.68 1.04
CAU 3DQ D . -13.33 -9.28 -0.08
CAP 3DQ D . -12.67 -8.09 0.51
OAC 3DQ D . -11.60 -8.25 1.07
CAT 3DQ D . -13.38 -6.75 0.44
OAF 3DQ D . -12.54 -5.68 0.91
CAS 3DQ D . -13.94 -6.48 -0.97
OAE 3DQ D . -14.71 -5.30 -0.86
CAM 3DQ D . -14.84 -7.65 -1.47
CAV 3DQ D . -14.01 -8.96 -1.45
CAO 3DQ D . -14.82 -10.16 -1.89
OAB 3DQ D . -16.07 -10.09 -1.95
OAD 3DQ D . -14.17 -11.17 -2.18
OAG 3DQ D . -13.06 -8.79 -2.51
CAA 3DQ E . 4.68 -0.18 -18.64
OAN 3DQ E . 4.74 0.29 -17.28
CAR 3DQ E . 4.35 1.56 -16.97
CAK 3DQ E . 3.05 1.83 -16.51
CAI 3DQ E . 2.71 3.17 -16.22
CAJ 3DQ E . 5.27 2.61 -17.14
CAH 3DQ E . 4.92 3.92 -16.85
CAQ 3DQ E . 3.64 4.22 -16.39
CAL 3DQ E . 3.28 5.67 -16.12
CAU 3DQ E . 3.49 6.13 -14.67
CAP 3DQ E . 2.50 5.35 -13.88
OAC 3DQ E . 2.83 4.30 -13.34
CAT 3DQ E . 1.07 5.84 -13.82
OAF 3DQ E . 0.32 5.08 -12.85
CAS 3DQ E . 1.00 7.36 -13.57
OAE 3DQ E . -0.35 7.76 -13.77
CAM 3DQ E . 1.90 8.17 -14.55
CAV 3DQ E . 3.37 7.67 -14.50
CAO 3DQ E . 4.21 8.37 -15.54
OAB 3DQ E . 3.68 8.98 -16.49
OAD 3DQ E . 5.45 8.31 -15.39
OAG 3DQ E . 3.84 8.08 -13.21
S SO4 F . 8.59 -6.88 2.33
O1 SO4 F . 9.49 -7.95 2.69
O2 SO4 F . 8.07 -6.26 3.56
O3 SO4 F . 9.34 -5.89 1.54
O4 SO4 F . 7.49 -7.42 1.54
CAA 3DQ G . 6.81 13.75 11.62
OAN 3DQ G . 6.11 12.89 10.72
CAR 3DQ G . 4.75 12.78 10.86
CAK 3DQ G . 3.87 12.98 9.78
CAI 3DQ G . 2.49 12.87 10.00
CAJ 3DQ G . 4.26 12.49 12.12
CAH 3DQ G . 2.89 12.39 12.33
CAQ 3DQ G . 1.99 12.56 11.30
CAL 3DQ G . 0.50 12.49 11.66
CAU 3DQ G . -0.28 11.18 11.56
CAP 3DQ G . -0.12 11.00 10.09
OAC 3DQ G . 0.78 10.27 9.66
CAT 3DQ G . -1.06 11.78 9.19
OAF 3DQ G . -0.86 11.35 7.83
CAS 3DQ G . -2.53 11.67 9.68
OAE 3DQ G . -3.40 12.47 8.87
CAM 3DQ G . -2.69 12.14 11.14
CAV 3DQ G . -1.77 11.32 12.06
CAO 3DQ G . -1.78 11.89 13.47
OAB 3DQ G . -2.30 12.99 13.76
OAD 3DQ G . -1.27 11.18 14.35
OAG 3DQ G . -2.46 10.06 12.23
#